data_3QHT
#
_entry.id   3QHT
#
_cell.length_a   59.637
_cell.length_b   175.462
_cell.length_c   52.830
_cell.angle_alpha   90.00
_cell.angle_beta   90.00
_cell.angle_gamma   90.00
#
_symmetry.space_group_name_H-M   'P 21 21 2'
#
loop_
_entity.id
_entity.type
_entity.pdbx_description
1 polymer 'Ubiquitin-like protein SMT3'
2 polymer 'Monobody ySMB-1'
3 non-polymer GLYCEROL
4 water water
#
loop_
_entity_poly.entity_id
_entity_poly.type
_entity_poly.pdbx_seq_one_letter_code
_entity_poly.pdbx_strand_id
1 'polypeptide(L)'
;GSDSEVNQEAKPEVKPEVKPETHINLKVSDGSSEIFFKIKKTTPLRRLMEAFAKRQGKEMDSLRFLYDGIRIQADQTPED
LDMEDNDIIEAHREQIGG
;
A,B
2 'polypeptide(L)'
;GSSVSSVPTKLEVVAATPTSLLISWDASSSSVSYYRITYGETGGNSPVQEFTVPGSSSTATISGLSPGVDYTITVYAYYS
YYDLYYSYSPSSINYRT
;
C,D
#
# COMPACT_ATOMS: atom_id res chain seq x y z
N LYS A 19 -7.42 1.92 -10.71
CA LYS A 19 -7.14 2.10 -9.24
C LYS A 19 -7.67 3.46 -8.73
N PRO A 20 -8.98 3.58 -8.47
CA PRO A 20 -9.50 4.76 -7.75
C PRO A 20 -8.73 4.78 -6.42
N GLU A 21 -8.13 5.89 -5.96
CA GLU A 21 -8.73 7.19 -5.61
C GLU A 21 -9.96 7.18 -4.69
N THR A 22 -9.70 6.79 -3.44
CA THR A 22 -10.72 6.67 -2.39
C THR A 22 -10.77 7.92 -1.45
N HIS A 23 -9.69 8.69 -1.41
CA HIS A 23 -9.58 9.75 -0.46
C HIS A 23 -10.02 11.12 -0.95
N ILE A 24 -10.50 11.99 -0.07
CA ILE A 24 -10.63 13.42 -0.44
C ILE A 24 -9.60 14.27 0.31
N ASN A 25 -9.35 15.48 -0.18
CA ASN A 25 -8.59 16.46 0.52
C ASN A 25 -9.41 17.26 1.49
N LEU A 26 -8.91 17.37 2.73
CA LEU A 26 -9.44 18.28 3.73
C LEU A 26 -8.34 19.13 4.32
N LYS A 27 -8.69 20.34 4.73
CA LYS A 27 -7.76 21.22 5.39
C LYS A 27 -8.32 21.44 6.75
N VAL A 28 -7.43 21.38 7.73
CA VAL A 28 -7.78 21.74 9.10
C VAL A 28 -6.87 22.88 9.49
N SER A 29 -7.51 23.94 10.00
CA SER A 29 -6.80 25.16 10.39
C SER A 29 -7.33 25.74 11.68
N ASP A 30 -6.41 26.35 12.43
CA ASP A 30 -6.76 27.04 13.65
C ASP A 30 -6.35 28.50 13.61
N GLY A 31 -5.87 28.97 12.47
CA GLY A 31 -5.38 30.33 12.37
C GLY A 31 -3.87 30.37 12.21
N SER A 32 -3.14 29.53 12.94
CA SER A 32 -1.70 29.41 12.70
C SER A 32 -1.33 28.06 12.10
N SER A 33 -1.56 26.99 12.85
CA SER A 33 -1.28 25.64 12.36
C SER A 33 -2.31 25.20 11.30
N GLU A 34 -1.83 24.80 10.14
CA GLU A 34 -2.70 24.31 9.09
C GLU A 34 -2.27 22.91 8.70
N ILE A 35 -3.17 21.94 8.69
CA ILE A 35 -2.78 20.59 8.26
C ILE A 35 -3.67 20.06 7.11
N PHE A 36 -3.03 19.47 6.12
CA PHE A 36 -3.69 18.86 4.98
C PHE A 36 -3.87 17.34 5.10
N PHE A 37 -5.10 16.89 4.85
CA PHE A 37 -5.45 15.48 5.03
C PHE A 37 -5.92 14.90 3.77
N LYS A 38 -5.66 13.60 3.61
CA LYS A 38 -6.23 12.77 2.57
C LYS A 38 -6.92 11.71 3.36
N ILE A 39 -8.25 11.69 3.24
CA ILE A 39 -9.09 10.85 4.07
C ILE A 39 -10.20 10.24 3.21
N LYS A 40 -10.59 9.02 3.51
CA LYS A 40 -11.79 8.38 2.92
C LYS A 40 -13.14 8.96 3.43
N LYS A 41 -14.12 9.01 2.54
CA LYS A 41 -15.48 9.48 2.84
C LYS A 41 -16.03 8.75 4.04
N THR A 42 -15.62 7.49 4.20
CA THR A 42 -16.14 6.60 5.20
C THR A 42 -15.26 6.44 6.41
N THR A 43 -14.15 7.15 6.50
CA THR A 43 -13.33 7.14 7.70
C THR A 43 -13.88 8.09 8.76
N PRO A 44 -14.06 7.62 10.03
CA PRO A 44 -14.53 8.56 11.06
C PRO A 44 -13.55 9.71 11.31
N LEU A 45 -14.08 10.91 11.50
CA LEU A 45 -13.24 12.11 11.67
C LEU A 45 -12.35 12.11 12.93
N ARG A 46 -12.68 11.20 13.85
CA ARG A 46 -11.82 10.90 15.03
C ARG A 46 -10.33 10.90 14.67
N ARG A 47 -9.97 10.21 13.58
CA ARG A 47 -8.59 10.06 13.18
C ARG A 47 -7.97 11.35 12.76
N LEU A 48 -8.77 12.18 12.07
CA LEU A 48 -8.30 13.48 11.61
C LEU A 48 -8.16 14.40 12.81
N MET A 49 -9.14 14.37 13.71
CA MET A 49 -9.15 15.24 14.88
C MET A 49 -7.96 14.85 15.78
N GLU A 50 -7.76 13.54 15.95
CA GLU A 50 -6.64 13.01 16.75
C GLU A 50 -5.31 13.39 16.11
N ALA A 51 -5.22 13.28 14.79
CA ALA A 51 -3.93 13.58 14.16
C ALA A 51 -3.61 15.04 14.30
N PHE A 52 -4.63 15.88 14.23
CA PHE A 52 -4.40 17.31 14.29
C PHE A 52 -4.02 17.80 15.70
N ALA A 53 -4.80 17.36 16.69
CA ALA A 53 -4.54 17.67 18.10
C ALA A 53 -3.16 17.19 18.51
N LYS A 54 -2.79 15.99 18.06
CA LYS A 54 -1.60 15.34 18.60
C LYS A 54 -0.36 15.87 17.92
N ARG A 55 -0.52 16.40 16.71
CA ARG A 55 0.49 17.23 16.07
C ARG A 55 0.70 18.54 16.83
N GLN A 56 -0.28 18.95 17.62
CA GLN A 56 -0.16 20.11 18.50
C GLN A 56 0.40 19.68 19.86
N GLY A 57 0.61 18.37 20.04
CA GLY A 57 0.86 17.83 21.39
C GLY A 57 -0.36 17.96 22.32
N LYS A 58 -1.57 17.97 21.73
CA LYS A 58 -2.81 17.98 22.50
C LYS A 58 -3.63 16.71 22.26
N GLU A 59 -4.64 16.52 23.09
CA GLU A 59 -5.61 15.44 22.94
C GLU A 59 -6.82 15.96 22.16
N MET A 60 -7.47 15.07 21.43
CA MET A 60 -8.63 15.40 20.64
C MET A 60 -9.67 16.26 21.38
N ASP A 61 -9.95 15.87 22.63
CA ASP A 61 -11.00 16.49 23.42
C ASP A 61 -10.67 17.91 23.98
N SER A 62 -9.45 18.40 23.76
CA SER A 62 -9.19 19.77 24.18
C SER A 62 -9.52 20.75 23.06
N LEU A 63 -9.87 20.23 21.89
CA LEU A 63 -10.13 21.07 20.75
C LEU A 63 -11.54 20.87 20.27
N ARG A 64 -12.11 21.90 19.70
CA ARG A 64 -13.37 21.79 19.01
C ARG A 64 -13.09 21.88 17.50
N PHE A 65 -13.81 21.09 16.70
CA PHE A 65 -13.68 21.16 15.24
C PHE A 65 -14.99 21.58 14.60
N LEU A 66 -14.94 22.63 13.80
CA LEU A 66 -16.18 23.23 13.26
C LEU A 66 -16.24 23.05 11.77
N TYR A 67 -17.40 22.65 11.30
CA TYR A 67 -17.66 22.58 9.86
C TYR A 67 -19.13 22.91 9.66
N ASP A 68 -19.43 23.91 8.84
CA ASP A 68 -20.81 24.27 8.47
C ASP A 68 -21.72 24.53 9.65
N GLY A 69 -21.30 25.34 10.61
CA GLY A 69 -22.10 25.64 11.75
C GLY A 69 -22.27 24.52 12.74
N ILE A 70 -21.52 23.41 12.56
CA ILE A 70 -21.67 22.20 13.36
C ILE A 70 -20.35 21.88 14.08
N ARG A 71 -20.43 21.51 15.36
CA ARG A 71 -19.24 20.97 16.02
C ARG A 71 -19.19 19.48 15.78
N ILE A 72 -18.13 19.06 15.09
CA ILE A 72 -17.97 17.69 14.63
C ILE A 72 -17.72 16.75 15.80
N GLN A 73 -18.35 15.57 15.71
CA GLN A 73 -18.20 14.50 16.64
C GLN A 73 -17.39 13.35 16.04
N ALA A 74 -16.56 12.77 16.90
CA ALA A 74 -15.61 11.73 16.54
C ALA A 74 -16.10 10.62 15.63
N ASP A 75 -17.34 10.15 15.83
CA ASP A 75 -17.88 9.06 14.99
C ASP A 75 -18.37 9.48 13.63
N GLN A 76 -18.56 10.77 13.41
CA GLN A 76 -19.01 11.25 12.08
C GLN A 76 -17.94 11.07 10.96
N THR A 77 -18.38 10.72 9.76
CA THR A 77 -17.53 10.59 8.58
C THR A 77 -17.70 11.84 7.70
N PRO A 78 -16.76 12.07 6.75
CA PRO A 78 -16.99 13.08 5.72
C PRO A 78 -18.30 12.88 4.97
N GLU A 79 -18.64 11.63 4.70
CA GLU A 79 -19.91 11.26 4.11
C GLU A 79 -21.13 11.69 4.97
N ASP A 80 -21.02 11.59 6.30
CA ASP A 80 -22.16 11.97 7.16
C ASP A 80 -22.40 13.46 7.11
N LEU A 81 -21.33 14.19 6.92
CA LEU A 81 -21.40 15.62 6.93
C LEU A 81 -21.48 16.17 5.51
N ASP A 82 -21.65 15.32 4.50
CA ASP A 82 -21.59 15.77 3.10
C ASP A 82 -20.35 16.61 2.76
N MET A 83 -19.17 16.19 3.24
CA MET A 83 -17.99 16.98 2.95
C MET A 83 -17.58 16.88 1.48
N GLU A 84 -16.85 17.87 1.02
CA GLU A 84 -16.47 17.92 -0.37
C GLU A 84 -14.97 18.06 -0.42
N ASP A 85 -14.38 17.52 -1.48
CA ASP A 85 -12.95 17.69 -1.74
C ASP A 85 -12.55 19.16 -1.53
N ASN A 86 -11.54 19.39 -0.70
CA ASN A 86 -11.00 20.74 -0.44
C ASN A 86 -11.81 21.56 0.55
N ASP A 87 -12.74 20.93 1.24
CA ASP A 87 -13.38 21.58 2.38
C ASP A 87 -12.40 21.88 3.52
N ILE A 88 -12.82 22.84 4.35
CA ILE A 88 -12.04 23.36 5.46
C ILE A 88 -12.73 23.11 6.79
N ILE A 89 -11.96 22.62 7.76
CA ILE A 89 -12.41 22.46 9.15
C ILE A 89 -11.64 23.46 10.03
N GLU A 90 -12.38 24.18 10.86
CA GLU A 90 -11.78 25.09 11.79
C GLU A 90 -11.59 24.40 13.11
N ALA A 91 -10.37 24.45 13.61
CA ALA A 91 -10.07 23.97 14.95
C ALA A 91 -9.89 25.15 15.94
N HIS A 92 -10.31 24.96 17.18
CA HIS A 92 -10.07 25.95 18.21
C HIS A 92 -9.95 25.28 19.56
N ARG A 93 -9.19 25.91 20.46
CA ARG A 93 -9.03 25.46 21.85
C ARG A 93 -10.36 25.30 22.59
N GLU A 94 -10.40 24.33 23.50
CA GLU A 94 -11.49 24.12 24.47
C GLU A 94 -12.74 23.46 23.90
N GLN A 95 -13.01 22.26 24.44
CA GLN A 95 -14.33 21.56 24.43
C GLN A 95 -14.77 20.95 23.12
N ILE A 96 -14.45 19.66 22.99
CA ILE A 96 -14.50 18.92 21.71
C ILE A 96 -15.86 18.58 21.17
N GLY A 97 -16.03 17.38 20.56
CA GLY A 97 -14.94 16.39 20.33
C GLY A 97 -15.26 15.29 19.31
N THR B 22 -11.70 -10.43 5.54
CA THR B 22 -10.48 -10.96 6.22
C THR B 22 -9.80 -12.00 5.30
N HIS B 23 -8.47 -12.05 5.36
CA HIS B 23 -7.58 -12.99 4.62
C HIS B 23 -7.45 -12.79 3.13
N ILE B 24 -6.27 -12.36 2.76
CA ILE B 24 -6.02 -11.90 1.45
C ILE B 24 -4.66 -12.54 1.11
N ASN B 25 -4.48 -12.82 -0.19
CA ASN B 25 -3.20 -13.22 -0.76
C ASN B 25 -2.47 -11.98 -1.22
N LEU B 26 -1.23 -11.83 -0.79
CA LEU B 26 -0.35 -10.80 -1.33
C LEU B 26 0.96 -11.41 -1.73
N LYS B 27 1.62 -10.77 -2.68
CA LYS B 27 2.89 -11.24 -3.18
C LYS B 27 3.88 -10.12 -2.88
N VAL B 28 5.05 -10.46 -2.38
CA VAL B 28 6.08 -9.50 -2.18
C VAL B 28 7.22 -9.95 -3.07
N SER B 29 7.62 -9.06 -3.97
CA SER B 29 8.66 -9.33 -4.95
C SER B 29 9.74 -8.27 -4.88
N ASP B 30 11.00 -8.68 -4.98
CA ASP B 30 12.12 -7.71 -5.00
C ASP B 30 12.93 -7.75 -6.32
N GLY B 31 12.41 -8.47 -7.30
CA GLY B 31 13.12 -8.71 -8.54
C GLY B 31 13.69 -10.13 -8.53
N SER B 32 14.26 -10.53 -7.39
CA SER B 32 14.86 -11.87 -7.19
C SER B 32 13.94 -12.87 -6.47
N SER B 33 13.60 -12.57 -5.22
CA SER B 33 12.66 -13.37 -4.44
C SER B 33 11.25 -12.92 -4.67
N GLU B 34 10.33 -13.88 -4.73
CA GLU B 34 8.92 -13.61 -4.54
C GLU B 34 8.47 -14.44 -3.34
N ILE B 35 7.79 -13.81 -2.38
CA ILE B 35 7.18 -14.55 -1.28
C ILE B 35 5.69 -14.32 -1.24
N PHE B 36 4.94 -15.41 -1.10
CA PHE B 36 3.49 -15.35 -1.08
C PHE B 36 2.99 -15.33 0.37
N PHE B 37 2.08 -14.38 0.69
CA PHE B 37 1.59 -14.23 2.04
C PHE B 37 0.10 -14.39 2.09
N LYS B 38 -0.38 -15.04 3.16
CA LYS B 38 -1.77 -15.10 3.52
C LYS B 38 -1.95 -14.28 4.81
N ILE B 39 -2.65 -13.14 4.71
CA ILE B 39 -2.74 -12.16 5.78
C ILE B 39 -4.19 -11.65 5.98
N LYS B 40 -4.63 -11.43 7.21
CA LYS B 40 -5.92 -10.72 7.49
C LYS B 40 -5.86 -9.25 7.08
N LYS B 41 -6.91 -8.74 6.44
CA LYS B 41 -6.95 -7.33 6.03
C LYS B 41 -6.75 -6.34 7.21
N THR B 42 -7.01 -6.79 8.43
CA THR B 42 -6.85 -5.96 9.62
C THR B 42 -5.50 -6.16 10.33
N THR B 43 -4.61 -7.00 9.82
CA THR B 43 -3.30 -7.13 10.49
C THR B 43 -2.22 -6.19 9.91
N PRO B 44 -1.45 -5.49 10.79
CA PRO B 44 -0.44 -4.61 10.26
C PRO B 44 0.54 -5.33 9.38
N LEU B 45 0.98 -4.61 8.36
CA LEU B 45 1.97 -5.10 7.43
C LEU B 45 3.35 -5.32 8.06
N ARG B 46 3.60 -4.75 9.26
CA ARG B 46 4.78 -5.04 10.05
C ARG B 46 5.31 -6.49 9.89
N ARG B 47 4.55 -7.49 10.31
CA ARG B 47 5.11 -8.85 10.28
C ARG B 47 5.31 -9.43 8.87
N LEU B 48 4.57 -8.95 7.89
CA LEU B 48 4.83 -9.31 6.52
C LEU B 48 6.17 -8.75 6.08
N MET B 49 6.40 -7.48 6.37
CA MET B 49 7.69 -6.85 6.12
C MET B 49 8.82 -7.59 6.85
N GLU B 50 8.58 -7.97 8.11
CA GLU B 50 9.57 -8.68 8.91
C GLU B 50 9.89 -10.05 8.34
N ALA B 51 8.85 -10.81 7.97
CA ALA B 51 9.03 -12.15 7.42
C ALA B 51 9.74 -12.07 6.07
N PHE B 52 9.38 -11.09 5.25
CA PHE B 52 10.06 -11.00 3.97
C PHE B 52 11.56 -10.70 4.14
N ALA B 53 11.88 -9.85 5.12
CA ALA B 53 13.27 -9.43 5.34
C ALA B 53 14.08 -10.55 6.03
N LYS B 54 13.53 -11.15 7.08
CA LYS B 54 14.26 -12.20 7.79
C LYS B 54 14.64 -13.35 6.83
N ARG B 55 13.68 -13.80 6.01
CA ARG B 55 13.93 -14.94 5.10
C ARG B 55 14.64 -14.42 3.86
N GLN B 56 15.81 -13.84 4.10
CA GLN B 56 16.50 -13.00 3.14
C GLN B 56 17.68 -12.25 3.81
N GLY B 57 17.90 -12.50 5.10
CA GLY B 57 19.10 -12.05 5.79
C GLY B 57 19.04 -10.69 6.50
N LYS B 58 18.20 -9.79 5.99
CA LYS B 58 18.15 -8.38 6.42
C LYS B 58 17.19 -8.07 7.57
N GLU B 59 17.30 -6.85 8.07
CA GLU B 59 16.31 -6.26 8.97
C GLU B 59 15.23 -5.59 8.12
N MET B 60 14.00 -5.57 8.66
CA MET B 60 12.89 -4.79 8.09
C MET B 60 13.30 -3.37 7.70
N ASP B 61 13.93 -2.65 8.62
CA ASP B 61 14.29 -1.24 8.45
C ASP B 61 15.23 -1.00 7.28
N SER B 62 15.93 -2.06 6.88
CA SER B 62 16.87 -2.01 5.78
C SER B 62 16.20 -2.25 4.42
N LEU B 63 14.88 -2.44 4.42
CA LEU B 63 14.15 -2.52 3.15
C LEU B 63 13.06 -1.45 3.04
N ARG B 64 12.73 -1.08 1.82
CA ARG B 64 11.50 -0.34 1.54
C ARG B 64 10.49 -1.19 0.77
N PHE B 65 9.21 -1.02 1.06
CA PHE B 65 8.19 -1.77 0.36
C PHE B 65 7.22 -0.78 -0.24
N LEU B 66 6.99 -0.88 -1.56
CA LEU B 66 6.08 0.06 -2.21
C LEU B 66 4.85 -0.63 -2.70
N TYR B 67 3.76 0.10 -2.62
CA TYR B 67 2.49 -0.35 -3.16
C TYR B 67 1.79 0.89 -3.66
N ASP B 68 1.28 0.84 -4.91
CA ASP B 68 0.52 1.96 -5.47
C ASP B 68 1.17 3.32 -5.21
N GLY B 69 2.47 3.42 -5.41
CA GLY B 69 3.16 4.70 -5.28
C GLY B 69 3.42 5.16 -3.85
N ILE B 70 3.13 4.29 -2.89
CA ILE B 70 3.31 4.61 -1.46
C ILE B 70 4.39 3.71 -0.81
N ARG B 71 5.30 4.33 -0.06
CA ARG B 71 6.16 3.55 0.84
C ARG B 71 5.37 3.14 2.08
N ILE B 72 5.11 1.85 2.20
CA ILE B 72 4.26 1.35 3.28
C ILE B 72 4.88 1.57 4.66
N GLN B 73 4.07 1.89 5.67
CA GLN B 73 4.56 2.00 7.04
C GLN B 73 4.08 0.79 7.78
N ALA B 74 4.92 0.31 8.71
CA ALA B 74 4.62 -0.95 9.41
C ALA B 74 3.24 -0.99 10.04
N ASP B 75 2.71 0.13 10.47
CA ASP B 75 1.42 0.12 11.16
C ASP B 75 0.23 0.01 10.23
N GLN B 76 0.43 0.22 8.93
CA GLN B 76 -0.70 0.11 8.00
C GLN B 76 -1.17 -1.32 7.82
N THR B 77 -2.48 -1.48 7.77
CA THR B 77 -3.12 -2.73 7.41
C THR B 77 -3.38 -2.78 5.89
N PRO B 78 -3.52 -4.00 5.32
CA PRO B 78 -4.05 -4.04 3.94
C PRO B 78 -5.37 -3.27 3.76
N GLU B 79 -6.29 -3.42 4.71
CA GLU B 79 -7.50 -2.60 4.74
C GLU B 79 -7.16 -1.07 4.64
N ASP B 80 -6.23 -0.59 5.45
CA ASP B 80 -5.83 0.83 5.38
C ASP B 80 -5.45 1.24 3.99
N LEU B 81 -4.83 0.30 3.27
CA LEU B 81 -4.25 0.55 1.99
C LEU B 81 -5.19 0.20 0.83
N ASP B 82 -6.40 -0.25 1.15
CA ASP B 82 -7.36 -0.76 0.13
C ASP B 82 -6.76 -1.85 -0.77
N MET B 83 -5.92 -2.71 -0.17
CA MET B 83 -5.35 -3.85 -0.89
C MET B 83 -6.37 -4.87 -1.35
N GLU B 84 -6.15 -5.43 -2.52
CA GLU B 84 -7.00 -6.51 -3.01
C GLU B 84 -6.23 -7.82 -3.09
N ASP B 85 -6.99 -8.89 -3.00
CA ASP B 85 -6.50 -10.23 -3.19
C ASP B 85 -5.58 -10.32 -4.43
N ASN B 86 -4.37 -10.82 -4.22
CA ASN B 86 -3.35 -10.93 -5.23
C ASN B 86 -2.56 -9.70 -5.62
N ASP B 87 -2.73 -8.60 -4.90
CA ASP B 87 -1.90 -7.42 -5.09
C ASP B 87 -0.43 -7.72 -4.81
N ILE B 88 0.45 -6.89 -5.38
CA ILE B 88 1.88 -7.06 -5.32
C ILE B 88 2.50 -5.86 -4.62
N ILE B 89 3.48 -6.15 -3.79
CA ILE B 89 4.23 -5.16 -3.09
C ILE B 89 5.66 -5.37 -3.56
N GLU B 90 6.32 -4.28 -3.92
CA GLU B 90 7.66 -4.33 -4.44
C GLU B 90 8.67 -4.08 -3.33
N ALA B 91 9.57 -5.03 -3.08
CA ALA B 91 10.62 -4.76 -2.12
C ALA B 91 11.91 -4.22 -2.79
N HIS B 92 12.64 -3.35 -2.09
N HIS B 92 12.62 -3.32 -2.09
CA HIS B 92 13.92 -2.87 -2.58
CA HIS B 92 13.86 -2.71 -2.58
C HIS B 92 14.80 -2.43 -1.42
C HIS B 92 14.81 -2.49 -1.41
N ARG B 93 16.12 -2.41 -1.69
CA ARG B 93 17.15 -2.16 -0.67
C ARG B 93 16.84 -1.06 0.37
N GLU B 94 17.18 0.20 0.10
CA GLU B 94 17.40 1.20 1.20
C GLU B 94 16.34 1.31 2.32
N SER C 5 9.11 25.88 9.39
CA SER C 5 10.46 25.51 8.85
C SER C 5 10.42 24.38 7.78
N SER C 6 9.34 24.41 7.02
CA SER C 6 9.17 23.78 5.69
C SER C 6 9.75 22.40 5.35
N VAL C 7 8.90 21.43 5.01
CA VAL C 7 9.36 20.10 4.65
C VAL C 7 8.74 19.55 3.32
N PRO C 8 9.55 18.91 2.47
CA PRO C 8 10.99 18.64 2.59
C PRO C 8 11.91 19.87 2.45
N THR C 9 13.10 19.76 3.04
CA THR C 9 14.09 20.79 2.94
C THR C 9 14.77 20.66 1.60
N LYS C 10 15.51 21.72 1.28
CA LYS C 10 16.36 21.75 0.08
C LYS C 10 15.60 21.51 -1.24
N LEU C 11 14.32 21.91 -1.29
CA LEU C 11 13.55 21.82 -2.56
C LEU C 11 14.28 22.70 -3.60
N GLU C 12 14.62 22.12 -4.75
CA GLU C 12 15.17 22.88 -5.86
C GLU C 12 14.92 22.29 -7.24
N VAL C 13 15.09 23.15 -8.25
CA VAL C 13 15.18 22.71 -9.63
C VAL C 13 16.66 22.51 -9.90
N VAL C 14 17.01 21.32 -10.38
CA VAL C 14 18.40 20.99 -10.60
C VAL C 14 18.78 21.04 -12.07
N ALA C 15 17.81 20.75 -12.94
CA ALA C 15 17.95 20.80 -14.40
C ALA C 15 16.64 21.29 -14.98
N ALA C 16 16.70 22.03 -16.08
CA ALA C 16 15.53 22.65 -16.69
C ALA C 16 15.72 22.83 -18.18
N THR C 17 14.66 22.49 -18.92
CA THR C 17 14.55 22.83 -20.34
C THR C 17 13.38 23.81 -20.47
N PRO C 18 13.19 24.45 -21.64
CA PRO C 18 12.02 25.32 -21.68
C PRO C 18 10.69 24.65 -21.31
N THR C 19 10.55 23.34 -21.52
CA THR C 19 9.27 22.67 -21.21
C THR C 19 9.31 21.67 -20.04
N SER C 20 10.46 21.56 -19.40
CA SER C 20 10.74 20.45 -18.50
C SER C 20 11.62 20.91 -17.33
N LEU C 21 11.44 20.24 -16.21
CA LEU C 21 11.96 20.69 -14.95
C LEU C 21 12.24 19.45 -14.14
N LEU C 22 13.46 19.34 -13.62
CA LEU C 22 13.84 18.26 -12.72
C LEU C 22 14.05 18.84 -11.34
N ILE C 23 13.26 18.39 -10.40
CA ILE C 23 13.39 18.92 -9.04
C ILE C 23 13.90 17.85 -8.13
N SER C 24 14.58 18.25 -7.08
CA SER C 24 14.94 17.34 -6.03
C SER C 24 14.68 18.01 -4.70
N TRP C 25 14.67 17.19 -3.66
CA TRP C 25 14.54 17.69 -2.27
C TRP C 25 15.28 16.66 -1.35
N ASP C 26 15.38 16.98 -0.09
CA ASP C 26 16.03 16.14 0.92
C ASP C 26 14.96 15.16 1.39
N ALA C 27 15.18 13.87 1.10
CA ALA C 27 14.25 12.81 1.45
C ALA C 27 14.83 11.94 2.63
N SER C 28 15.43 12.59 3.62
CA SER C 28 16.13 11.84 4.68
C SER C 28 15.14 11.01 5.49
N SER C 29 13.88 11.43 5.53
CA SER C 29 12.89 10.78 6.41
C SER C 29 12.45 9.39 5.97
N SER C 30 12.36 8.44 6.91
CA SER C 30 12.02 7.09 6.55
C SER C 30 10.55 6.85 6.82
N SER C 31 9.89 7.79 7.46
CA SER C 31 8.50 7.51 7.75
C SER C 31 7.52 8.16 6.73
N VAL C 32 8.02 9.02 5.83
CA VAL C 32 7.17 9.67 4.84
C VAL C 32 6.54 8.62 3.91
N SER C 33 5.22 8.59 3.86
CA SER C 33 4.52 7.71 2.91
C SER C 33 4.77 8.09 1.44
N TYR C 34 4.54 9.34 1.11
CA TYR C 34 4.79 9.81 -0.27
C TYR C 34 4.92 11.33 -0.26
N TYR C 35 5.50 11.85 -1.33
CA TYR C 35 5.59 13.29 -1.52
C TYR C 35 4.59 13.61 -2.56
N ARG C 36 3.80 14.66 -2.29
CA ARG C 36 2.84 15.10 -3.28
C ARG C 36 3.39 16.37 -3.95
N ILE C 37 3.47 16.32 -5.29
CA ILE C 37 3.97 17.43 -6.09
C ILE C 37 2.85 18.14 -6.84
N THR C 38 2.68 19.42 -6.56
CA THR C 38 1.69 20.22 -7.31
C THR C 38 2.39 21.37 -7.98
N TYR C 39 1.83 21.79 -9.10
CA TYR C 39 2.43 22.86 -9.87
C TYR C 39 1.39 23.55 -10.76
N GLY C 40 1.40 24.87 -10.72
CA GLY C 40 0.64 25.66 -11.64
C GLY C 40 1.38 26.94 -11.92
N GLU C 41 0.81 27.75 -12.81
CA GLU C 41 1.37 29.04 -13.14
C GLU C 41 1.30 29.93 -11.91
N THR C 42 2.34 30.71 -11.66
CA THR C 42 2.42 31.51 -10.45
C THR C 42 1.19 32.39 -10.37
N GLY C 43 0.63 32.51 -9.17
CA GLY C 43 -0.56 33.34 -8.98
C GLY C 43 -1.83 32.76 -9.61
N GLY C 44 -1.83 32.66 -10.95
CA GLY C 44 -3.03 32.29 -11.71
C GLY C 44 -3.71 31.00 -11.31
N ASN C 45 -5.01 31.08 -11.03
CA ASN C 45 -5.85 29.91 -10.80
C ASN C 45 -5.95 29.01 -12.06
N SER C 46 -4.87 29.00 -12.84
CA SER C 46 -4.66 27.98 -13.90
C SER C 46 -4.71 26.62 -13.20
N PRO C 47 -5.20 25.57 -13.90
CA PRO C 47 -5.30 24.33 -13.15
C PRO C 47 -3.94 23.90 -12.55
N VAL C 48 -3.90 23.71 -11.23
CA VAL C 48 -2.73 23.07 -10.61
C VAL C 48 -2.74 21.59 -10.97
N GLN C 49 -1.66 21.10 -11.53
CA GLN C 49 -1.55 19.66 -11.66
C GLN C 49 -0.82 19.07 -10.45
N GLU C 50 -1.05 17.79 -10.19
CA GLU C 50 -0.41 17.08 -9.11
C GLU C 50 -0.14 15.65 -9.48
N PHE C 51 0.94 15.13 -8.91
CA PHE C 51 1.22 13.73 -8.94
C PHE C 51 1.94 13.43 -7.62
N THR C 52 2.22 12.16 -7.37
CA THR C 52 2.85 11.83 -6.12
C THR C 52 4.03 10.98 -6.46
N VAL C 53 5.00 10.96 -5.57
CA VAL C 53 6.15 10.08 -5.71
C VAL C 53 6.29 9.34 -4.35
N PRO C 54 6.76 8.07 -4.30
CA PRO C 54 6.87 7.50 -2.94
C PRO C 54 7.89 8.16 -2.01
N GLY C 55 7.73 7.89 -0.70
CA GLY C 55 8.51 8.56 0.35
C GLY C 55 10.00 8.27 0.23
N SER C 56 10.36 7.19 -0.47
CA SER C 56 11.76 6.87 -0.80
C SER C 56 12.40 7.76 -1.88
N SER C 57 11.56 8.48 -2.66
CA SER C 57 12.07 9.31 -3.76
C SER C 57 12.48 10.70 -3.36
N SER C 58 13.47 11.25 -4.04
CA SER C 58 13.95 12.58 -3.75
C SER C 58 14.03 13.48 -4.99
N THR C 59 13.65 12.94 -6.14
CA THR C 59 13.58 13.74 -7.37
C THR C 59 12.28 13.45 -8.05
N ALA C 60 11.98 14.29 -9.04
CA ALA C 60 10.84 14.05 -9.90
C ALA C 60 10.94 14.94 -11.14
N THR C 61 10.38 14.49 -12.25
CA THR C 61 10.38 15.32 -13.47
C THR C 61 8.97 15.90 -13.69
N ILE C 62 8.89 17.20 -13.84
CA ILE C 62 7.68 17.85 -14.30
C ILE C 62 7.89 18.21 -15.79
N SER C 63 7.05 17.66 -16.65
CA SER C 63 7.12 18.01 -18.07
C SER C 63 5.79 18.58 -18.56
N GLY C 64 5.73 18.90 -19.85
CA GLY C 64 4.53 19.48 -20.44
C GLY C 64 4.34 20.94 -20.11
N LEU C 65 5.44 21.64 -19.87
CA LEU C 65 5.39 23.07 -19.52
C LEU C 65 5.57 23.99 -20.73
N SER C 66 5.03 25.20 -20.63
CA SER C 66 5.19 26.18 -21.68
C SER C 66 6.28 27.19 -21.34
N PRO C 67 7.11 27.56 -22.33
CA PRO C 67 8.25 28.44 -22.12
C PRO C 67 7.85 29.84 -21.63
N GLY C 68 8.76 30.48 -20.89
CA GLY C 68 8.56 31.82 -20.38
C GLY C 68 7.52 31.96 -19.28
N VAL C 69 6.92 30.84 -18.85
CA VAL C 69 5.91 30.84 -17.76
C VAL C 69 6.54 30.65 -16.38
N ASP C 70 6.14 31.48 -15.42
CA ASP C 70 6.55 31.28 -14.03
C ASP C 70 5.61 30.28 -13.38
N TYR C 71 6.20 29.21 -12.84
CA TYR C 71 5.44 28.22 -12.08
C TYR C 71 5.73 28.30 -10.59
N THR C 72 4.72 28.03 -9.78
CA THR C 72 4.90 27.71 -8.36
C THR C 72 4.88 26.16 -8.19
N ILE C 73 5.96 25.64 -7.60
CA ILE C 73 6.08 24.22 -7.32
C ILE C 73 6.04 23.99 -5.83
N THR C 74 5.08 23.18 -5.43
CA THR C 74 4.88 22.81 -4.02
C THR C 74 5.10 21.31 -3.79
N VAL C 75 5.78 20.99 -2.71
CA VAL C 75 6.01 19.59 -2.34
C VAL C 75 5.56 19.38 -0.91
N TYR C 76 4.57 18.53 -0.78
CA TYR C 76 4.03 18.13 0.51
C TYR C 76 4.65 16.76 0.88
N ALA C 77 5.12 16.60 2.12
CA ALA C 77 5.44 15.28 2.69
C ALA C 77 4.21 14.72 3.44
N TYR C 78 3.68 13.57 3.01
CA TYR C 78 2.49 13.00 3.68
C TYR C 78 2.88 11.81 4.53
N TYR C 79 2.27 11.72 5.71
CA TYR C 79 2.46 10.63 6.66
C TYR C 79 1.17 9.93 6.90
N SER C 80 1.26 8.65 7.23
CA SER C 80 0.13 7.81 7.50
C SER C 80 -0.27 7.80 8.95
N TYR C 81 -1.55 7.60 9.19
CA TYR C 81 -2.17 7.53 10.49
C TYR C 81 -3.46 6.75 10.30
N TYR C 82 -3.51 5.54 10.86
CA TYR C 82 -4.58 4.58 10.59
C TYR C 82 -4.76 4.54 9.07
N ASP C 83 -5.95 4.90 8.56
CA ASP C 83 -6.25 4.89 7.11
C ASP C 83 -6.27 6.25 6.40
N LEU C 84 -5.68 7.24 7.03
CA LEU C 84 -5.50 8.53 6.37
C LEU C 84 -4.05 8.89 6.24
N TYR C 85 -3.83 10.01 5.55
CA TYR C 85 -2.55 10.66 5.41
C TYR C 85 -2.74 12.12 5.73
N TYR C 86 -1.68 12.74 6.26
CA TYR C 86 -1.70 14.16 6.53
C TYR C 86 -0.33 14.74 6.24
N SER C 87 -0.29 16.08 6.09
CA SER C 87 0.89 16.81 5.68
C SER C 87 0.84 18.21 6.29
N TYR C 88 2.00 18.70 6.69
CA TYR C 88 2.10 20.06 7.19
C TYR C 88 3.34 20.72 6.62
N SER C 89 3.29 22.06 6.55
CA SER C 89 4.42 22.91 6.13
C SER C 89 5.06 22.47 4.82
N PRO C 90 4.28 22.46 3.72
CA PRO C 90 4.88 22.10 2.42
C PRO C 90 5.89 23.16 2.01
N SER C 91 6.81 22.77 1.14
CA SER C 91 7.81 23.69 0.59
C SER C 91 7.38 24.07 -0.79
N SER C 92 7.64 25.31 -1.13
CA SER C 92 7.37 25.75 -2.49
C SER C 92 8.49 26.62 -2.99
N ILE C 93 8.67 26.56 -4.30
CA ILE C 93 9.60 27.44 -4.97
C ILE C 93 8.86 27.95 -6.20
N ASN C 94 9.40 29.02 -6.79
CA ASN C 94 8.95 29.52 -8.08
C ASN C 94 10.03 29.30 -9.11
N TYR C 95 9.64 28.96 -10.31
CA TYR C 95 10.61 28.82 -11.37
C TYR C 95 10.04 29.24 -12.75
N ARG C 96 10.61 30.28 -13.36
CA ARG C 96 10.24 30.69 -14.73
C ARG C 96 10.96 29.82 -15.77
N THR C 97 10.19 29.07 -16.56
CA THR C 97 10.77 28.16 -17.55
C THR C 97 11.37 28.93 -18.73
N SER D 5 14.50 -24.25 -7.04
CA SER D 5 14.12 -25.65 -6.63
C SER D 5 13.02 -25.73 -5.53
N SER D 6 11.76 -25.61 -5.95
CA SER D 6 10.55 -25.82 -5.10
C SER D 6 10.58 -27.22 -4.49
N VAL D 7 9.88 -27.60 -3.42
CA VAL D 7 8.96 -26.98 -2.41
C VAL D 7 7.42 -26.92 -2.62
N PRO D 8 6.76 -28.06 -2.36
CA PRO D 8 7.37 -29.31 -1.91
C PRO D 8 8.09 -30.06 -3.06
N THR D 9 9.02 -30.94 -2.71
CA THR D 9 9.70 -31.76 -3.70
C THR D 9 8.90 -32.99 -3.99
N LYS D 10 9.29 -33.64 -5.07
CA LYS D 10 8.74 -34.93 -5.54
C LYS D 10 7.27 -34.85 -5.88
N LEU D 11 6.84 -33.66 -6.31
CA LEU D 11 5.43 -33.46 -6.63
C LEU D 11 5.04 -34.19 -7.93
N GLU D 12 4.09 -35.13 -7.83
CA GLU D 12 3.73 -35.96 -8.99
C GLU D 12 2.33 -36.55 -8.85
N VAL D 13 1.79 -37.02 -9.97
CA VAL D 13 0.51 -37.70 -10.03
C VAL D 13 0.73 -39.16 -9.69
N VAL D 14 -0.10 -39.75 -8.81
CA VAL D 14 0.06 -41.15 -8.42
C VAL D 14 -1.14 -42.01 -8.87
N ALA D 15 -2.26 -41.35 -9.13
CA ALA D 15 -3.39 -41.99 -9.77
C ALA D 15 -4.13 -40.94 -10.60
N ALA D 16 -4.83 -41.43 -11.63
CA ALA D 16 -5.65 -40.58 -12.48
C ALA D 16 -6.88 -41.36 -12.95
N THR D 17 -8.03 -40.68 -12.96
CA THR D 17 -9.18 -41.04 -13.77
C THR D 17 -9.38 -39.88 -14.78
N PRO D 18 -10.30 -40.02 -15.75
CA PRO D 18 -10.53 -38.87 -16.67
C PRO D 18 -11.10 -37.58 -16.03
N THR D 19 -11.58 -37.66 -14.79
CA THR D 19 -12.10 -36.48 -14.09
C THR D 19 -11.44 -36.16 -12.73
N SER D 20 -10.50 -37.00 -12.26
CA SER D 20 -9.82 -36.76 -10.97
C SER D 20 -8.42 -37.31 -10.85
N LEU D 21 -7.58 -36.57 -10.12
CA LEU D 21 -6.17 -36.87 -9.94
C LEU D 21 -5.80 -37.01 -8.47
N LEU D 22 -4.96 -37.99 -8.18
CA LEU D 22 -4.37 -38.11 -6.87
C LEU D 22 -2.93 -37.67 -7.09
N ILE D 23 -2.51 -36.63 -6.41
CA ILE D 23 -1.12 -36.22 -6.47
C ILE D 23 -0.45 -36.47 -5.14
N SER D 24 0.87 -36.35 -5.12
CA SER D 24 1.61 -36.59 -3.92
C SER D 24 2.88 -35.82 -4.02
N TRP D 25 3.57 -35.66 -2.91
CA TRP D 25 4.76 -34.82 -2.83
C TRP D 25 5.41 -35.18 -1.49
N ASP D 26 6.63 -34.70 -1.31
CA ASP D 26 7.42 -34.99 -0.09
C ASP D 26 6.95 -34.08 1.04
N ALA D 27 6.26 -34.65 2.03
CA ALA D 27 5.80 -33.91 3.22
C ALA D 27 6.66 -34.12 4.48
N SER D 28 7.95 -34.33 4.30
CA SER D 28 8.84 -34.60 5.43
C SER D 28 9.06 -33.37 6.33
N SER D 29 8.91 -32.17 5.78
CA SER D 29 9.12 -30.97 6.59
C SER D 29 8.25 -30.89 7.84
N SER D 30 8.88 -30.40 8.90
CA SER D 30 8.37 -30.62 10.22
C SER D 30 7.10 -29.93 10.77
N SER D 31 6.76 -28.64 10.71
CA SER D 31 7.26 -27.38 10.12
C SER D 31 6.26 -26.62 9.19
N VAL D 32 5.86 -27.20 8.06
CA VAL D 32 4.83 -26.54 7.27
C VAL D 32 3.43 -26.57 7.93
N SER D 33 2.76 -25.43 7.86
CA SER D 33 1.45 -25.25 8.44
C SER D 33 0.41 -25.97 7.62
N TYR D 34 0.40 -25.65 6.31
CA TYR D 34 -0.50 -26.30 5.36
C TYR D 34 0.05 -26.22 3.93
N TYR D 35 -0.45 -27.10 3.08
CA TYR D 35 -0.14 -27.01 1.66
C TYR D 35 -1.35 -26.45 0.93
N ARG D 36 -1.10 -25.50 0.06
CA ARG D 36 -2.12 -24.93 -0.79
C ARG D 36 -2.01 -25.50 -2.21
N ILE D 37 -3.07 -26.16 -2.65
CA ILE D 37 -3.15 -26.69 -3.99
C ILE D 37 -4.06 -25.81 -4.90
N THR D 38 -3.48 -25.34 -6.01
CA THR D 38 -4.24 -24.61 -7.03
C THR D 38 -4.21 -25.40 -8.33
N TYR D 39 -5.30 -25.32 -9.10
CA TYR D 39 -5.35 -25.99 -10.38
C TYR D 39 -6.29 -25.27 -11.33
N GLY D 40 -5.83 -25.10 -12.55
CA GLY D 40 -6.65 -24.57 -13.63
C GLY D 40 -6.22 -25.14 -14.96
N GLU D 41 -7.15 -25.15 -15.90
CA GLU D 41 -6.85 -25.42 -17.28
C GLU D 41 -5.64 -24.55 -17.72
N THR D 42 -4.64 -25.21 -18.31
CA THR D 42 -3.39 -24.55 -18.71
C THR D 42 -3.63 -23.46 -19.76
N GLY D 43 -3.13 -22.26 -19.47
CA GLY D 43 -3.30 -21.10 -20.36
C GLY D 43 -4.75 -20.70 -20.64
N GLY D 44 -5.67 -21.24 -19.83
CA GLY D 44 -7.06 -20.81 -19.81
C GLY D 44 -7.19 -19.47 -19.11
N ASN D 45 -8.33 -18.81 -19.32
CA ASN D 45 -8.59 -17.48 -18.74
C ASN D 45 -9.68 -17.55 -17.67
N SER D 46 -9.24 -17.67 -16.42
CA SER D 46 -10.12 -17.91 -15.28
C SER D 46 -9.26 -17.99 -14.03
N PRO D 47 -9.82 -17.63 -12.86
CA PRO D 47 -9.13 -17.96 -11.59
C PRO D 47 -8.93 -19.48 -11.41
N VAL D 48 -7.78 -19.84 -10.84
CA VAL D 48 -7.52 -21.21 -10.47
C VAL D 48 -8.50 -21.59 -9.37
N GLN D 49 -8.94 -22.84 -9.35
CA GLN D 49 -9.58 -23.42 -8.21
C GLN D 49 -8.52 -23.74 -7.15
N GLU D 50 -8.94 -23.93 -5.89
CA GLU D 50 -7.97 -24.19 -4.84
C GLU D 50 -8.56 -24.76 -3.59
N PHE D 51 -7.69 -25.43 -2.82
CA PHE D 51 -8.01 -25.97 -1.50
C PHE D 51 -6.69 -26.18 -0.76
N THR D 52 -6.76 -26.54 0.53
CA THR D 52 -5.55 -26.77 1.32
C THR D 52 -5.64 -28.12 2.00
N VAL D 53 -4.50 -28.67 2.36
CA VAL D 53 -4.47 -29.83 3.25
C VAL D 53 -3.50 -29.46 4.40
N PRO D 54 -3.66 -30.08 5.59
CA PRO D 54 -2.70 -29.82 6.67
C PRO D 54 -1.25 -30.14 6.28
N GLY D 55 -0.29 -29.49 6.95
CA GLY D 55 1.14 -29.66 6.66
C GLY D 55 1.63 -31.07 6.89
N SER D 56 0.84 -31.86 7.61
CA SER D 56 1.19 -33.24 7.83
C SER D 56 0.77 -34.12 6.66
N SER D 57 0.08 -33.57 5.68
CA SER D 57 -0.42 -34.34 4.57
C SER D 57 0.51 -34.29 3.38
N SER D 58 0.41 -35.38 2.62
CA SER D 58 1.36 -35.76 1.63
C SER D 58 0.70 -35.97 0.29
N THR D 59 -0.62 -36.05 0.27
CA THR D 59 -1.34 -36.34 -0.95
C THR D 59 -2.59 -35.46 -0.95
N ALA D 60 -3.23 -35.35 -2.11
CA ALA D 60 -4.48 -34.61 -2.30
C ALA D 60 -5.18 -35.17 -3.54
N THR D 61 -6.52 -35.19 -3.50
CA THR D 61 -7.31 -35.51 -4.68
C THR D 61 -7.90 -34.26 -5.29
N ILE D 62 -7.74 -34.10 -6.58
CA ILE D 62 -8.42 -33.04 -7.28
C ILE D 62 -9.50 -33.74 -8.11
N SER D 63 -10.78 -33.36 -7.93
CA SER D 63 -11.92 -33.89 -8.72
C SER D 63 -12.68 -32.79 -9.52
N GLY D 64 -13.69 -33.21 -10.28
CA GLY D 64 -14.42 -32.34 -11.21
C GLY D 64 -13.60 -31.82 -12.38
N LEU D 65 -12.60 -32.60 -12.83
CA LEU D 65 -11.80 -32.18 -13.99
C LEU D 65 -12.52 -32.57 -15.28
N SER D 66 -12.34 -31.82 -16.35
CA SER D 66 -12.88 -32.25 -17.66
C SER D 66 -11.88 -33.15 -18.40
N PRO D 67 -12.34 -34.31 -18.89
CA PRO D 67 -11.60 -35.27 -19.76
C PRO D 67 -10.85 -34.63 -20.92
N GLY D 68 -9.64 -35.12 -21.18
CA GLY D 68 -8.83 -34.63 -22.28
C GLY D 68 -8.55 -33.14 -22.29
N VAL D 69 -8.38 -32.55 -21.10
CA VAL D 69 -7.97 -31.14 -20.94
C VAL D 69 -6.64 -31.08 -20.20
N ASP D 70 -5.86 -30.04 -20.48
CA ASP D 70 -4.55 -29.82 -19.87
C ASP D 70 -4.65 -28.90 -18.66
N TYR D 71 -4.07 -29.32 -17.53
CA TYR D 71 -4.14 -28.59 -16.27
C TYR D 71 -2.78 -28.31 -15.68
N THR D 72 -2.53 -27.08 -15.25
CA THR D 72 -1.42 -26.76 -14.33
C THR D 72 -1.83 -26.90 -12.86
N ILE D 73 -1.16 -27.79 -12.14
CA ILE D 73 -1.36 -27.95 -10.72
C ILE D 73 -0.16 -27.35 -9.98
N THR D 74 -0.43 -26.46 -9.02
CA THR D 74 0.59 -25.80 -8.23
C THR D 74 0.33 -26.12 -6.73
N VAL D 75 1.40 -26.38 -5.98
CA VAL D 75 1.32 -26.77 -4.60
C VAL D 75 2.32 -25.92 -3.89
N TYR D 76 1.81 -25.20 -2.88
CA TYR D 76 2.61 -24.29 -2.07
C TYR D 76 2.71 -24.91 -0.70
N ALA D 77 3.85 -24.68 -0.03
CA ALA D 77 4.07 -25.08 1.35
C ALA D 77 3.97 -23.79 2.14
N TYR D 78 2.96 -23.64 3.01
CA TYR D 78 2.89 -22.38 3.78
C TYR D 78 3.48 -22.55 5.13
N TYR D 79 4.17 -21.51 5.61
CA TYR D 79 4.69 -21.50 6.98
C TYR D 79 4.05 -20.40 7.79
N SER D 80 3.96 -20.57 9.11
CA SER D 80 3.40 -19.54 9.96
C SER D 80 4.45 -18.55 10.45
N TYR D 81 4.01 -17.31 10.59
CA TYR D 81 4.79 -16.30 11.24
C TYR D 81 3.82 -15.36 11.97
N TYR D 82 3.83 -15.39 13.31
CA TYR D 82 2.81 -14.70 14.16
C TYR D 82 1.43 -15.15 13.71
N ASP D 83 0.58 -14.22 13.24
CA ASP D 83 -0.76 -14.58 12.77
C ASP D 83 -0.89 -14.66 11.23
N LEU D 84 0.24 -14.81 10.57
CA LEU D 84 0.22 -14.89 9.13
C LEU D 84 0.94 -16.12 8.58
N TYR D 85 0.77 -16.36 7.29
CA TYR D 85 1.41 -17.50 6.63
C TYR D 85 2.11 -17.06 5.37
N TYR D 86 3.18 -17.74 5.01
CA TYR D 86 3.96 -17.38 3.84
C TYR D 86 4.53 -18.63 3.15
N SER D 87 4.79 -18.49 1.87
CA SER D 87 5.22 -19.55 0.99
C SER D 87 6.18 -18.94 -0.01
N TYR D 88 7.23 -19.67 -0.39
CA TYR D 88 8.10 -19.22 -1.45
C TYR D 88 8.21 -20.33 -2.44
N SER D 89 8.47 -19.95 -3.69
CA SER D 89 8.81 -20.89 -4.75
C SER D 89 7.98 -22.19 -4.74
N PRO D 90 6.71 -22.11 -5.17
CA PRO D 90 5.85 -23.28 -5.32
C PRO D 90 6.27 -24.26 -6.45
N SER D 91 5.79 -25.50 -6.37
CA SER D 91 6.05 -26.54 -7.38
C SER D 91 4.81 -26.70 -8.22
N SER D 92 5.02 -26.85 -9.53
CA SER D 92 3.93 -27.21 -10.45
C SER D 92 4.25 -28.34 -11.37
N ILE D 93 3.19 -28.96 -11.86
CA ILE D 93 3.24 -29.95 -12.89
C ILE D 93 2.09 -29.68 -13.86
N ASN D 94 2.18 -30.21 -15.08
CA ASN D 94 1.11 -30.16 -16.07
C ASN D 94 0.56 -31.55 -16.21
N TYR D 95 -0.72 -31.69 -16.51
CA TYR D 95 -1.31 -33.02 -16.68
C TYR D 95 -2.56 -32.96 -17.57
N ARG D 96 -2.55 -33.68 -18.67
CA ARG D 96 -3.71 -33.74 -19.55
C ARG D 96 -4.55 -34.89 -19.07
N THR D 97 -5.83 -34.63 -18.84
CA THR D 97 -6.70 -35.65 -18.31
C THR D 97 -7.16 -36.68 -19.39
#